data_9H6D
#
_entry.id   9H6D
#
_cell.length_a   89.807
_cell.length_b   89.807
_cell.length_c   117.134
_cell.angle_alpha   90.00
_cell.angle_beta   90.00
_cell.angle_gamma   120.00
#
_symmetry.space_group_name_H-M   'P 32 2 1'
#
loop_
_entity.id
_entity.type
_entity.pdbx_description
1 polymer 'tRNA(fMet)-specific endonuclease VapC'
2 polymer Antitoxin
#
loop_
_entity_poly.entity_id
_entity_poly.type
_entity_poly.pdbx_seq_one_letter_code
_entity_poly.pdbx_strand_id
1 'polypeptide(L)'
;MLKFMLDTNICIFTIKNKPASVRERFNLNQGRMCISSVTLMEVIYGAEKSQMPERNLAVIEGFVSRIDVLDYDAAAATHT
GQIRAELALQGRPVGPFDQMIAGHARSRGLIIVTNNTREFERVGGLRIEDWS
;
A,C
2 'polypeptide(L)'
;MGSSHHHHHHSSGENLYFQGHMETTEFLSNRSQAVRLPKAVALPENVKRVEVIAVGRTRIITPAGETWDEWFDGNSVSAD
FMDNREQPGMQERESF
;
B,D
#
# COMPACT_ATOMS: atom_id res chain seq x y z
N MET A 1 7.25 -15.11 -11.30
CA MET A 1 6.04 -15.67 -11.90
C MET A 1 5.01 -14.60 -12.20
N LEU A 2 4.71 -13.78 -11.19
CA LEU A 2 3.69 -12.73 -11.33
C LEU A 2 4.09 -11.75 -12.42
N LYS A 3 3.24 -11.59 -13.43
CA LYS A 3 3.55 -10.75 -14.57
C LYS A 3 2.53 -9.65 -14.87
N PHE A 4 1.31 -9.76 -14.36
CA PHE A 4 0.24 -8.84 -14.74
C PHE A 4 -0.31 -8.11 -13.53
N MET A 5 -0.52 -6.80 -13.68
CA MET A 5 -1.21 -6.00 -12.68
C MET A 5 -2.54 -5.53 -13.24
N LEU A 6 -3.62 -5.88 -12.55
CA LEU A 6 -4.97 -5.54 -13.00
C LEU A 6 -5.33 -4.18 -12.42
N ASP A 7 -5.60 -3.19 -13.28
CA ASP A 7 -5.97 -1.89 -12.73
C ASP A 7 -7.35 -1.97 -12.06
N THR A 8 -7.71 -0.87 -11.40
CA THR A 8 -9.03 -0.80 -10.78
C THR A 8 -10.15 -0.91 -11.80
N ASN A 9 -9.98 -0.27 -12.96
CA ASN A 9 -11.05 -0.25 -13.95
C ASN A 9 -11.47 -1.66 -14.35
N ILE A 10 -10.52 -2.51 -14.73
CA ILE A 10 -10.87 -3.83 -15.22
C ILE A 10 -11.49 -4.68 -14.11
N CYS A 11 -11.06 -4.47 -12.86
CA CYS A 11 -11.57 -5.27 -11.75
C CYS A 11 -13.07 -5.09 -11.57
N ILE A 12 -13.52 -3.84 -11.37
CA ILE A 12 -14.95 -3.55 -11.28
C ILE A 12 -15.67 -4.05 -12.51
N PHE A 13 -15.08 -3.80 -13.69
CA PHE A 13 -15.62 -4.30 -14.96
C PHE A 13 -15.88 -5.79 -14.88
N THR A 14 -14.93 -6.54 -14.34
CA THR A 14 -15.14 -7.96 -14.11
C THR A 14 -16.11 -8.20 -12.96
N ILE A 15 -15.88 -7.55 -11.81
CA ILE A 15 -16.73 -7.80 -10.65
C ILE A 15 -18.19 -7.51 -10.97
N LYS A 16 -18.46 -6.38 -11.62
CA LYS A 16 -19.84 -6.06 -11.98
C LYS A 16 -20.35 -6.98 -13.09
N ASN A 17 -19.74 -6.90 -14.28
CA ASN A 17 -20.29 -7.60 -15.43
C ASN A 17 -19.93 -9.07 -15.48
N LYS A 18 -18.79 -9.47 -14.92
CA LYS A 18 -18.29 -10.84 -15.04
C LYS A 18 -18.26 -11.30 -16.50
N PRO A 19 -17.44 -10.67 -17.34
CA PRO A 19 -17.51 -10.95 -18.79
C PRO A 19 -16.83 -12.27 -19.14
N ALA A 20 -17.40 -12.94 -20.14
CA ALA A 20 -16.91 -14.25 -20.55
C ALA A 20 -15.52 -14.15 -21.15
N SER A 21 -15.26 -13.11 -21.93
CA SER A 21 -13.93 -12.91 -22.48
C SER A 21 -12.87 -12.93 -21.40
N VAL A 22 -13.15 -12.28 -20.26
CA VAL A 22 -12.19 -12.24 -19.17
C VAL A 22 -12.12 -13.58 -18.45
N ARG A 23 -13.20 -14.38 -18.50
CA ARG A 23 -13.23 -15.67 -17.83
C ARG A 23 -12.01 -16.52 -18.18
N GLU A 24 -11.89 -16.89 -19.46
CA GLU A 24 -10.79 -17.75 -19.87
C GLU A 24 -9.45 -17.03 -19.71
N ARG A 25 -9.41 -15.72 -19.95
CA ARG A 25 -8.16 -14.98 -19.80
C ARG A 25 -7.65 -15.09 -18.36
N PHE A 26 -8.51 -14.78 -17.40
CA PHE A 26 -8.13 -14.92 -15.99
C PHE A 26 -7.68 -16.35 -15.70
N ASN A 27 -8.46 -17.33 -16.16
CA ASN A 27 -8.09 -18.72 -15.94
C ASN A 27 -6.72 -19.03 -16.50
N LEU A 28 -6.42 -18.53 -17.70
CA LEU A 28 -5.15 -18.83 -18.35
C LEU A 28 -3.96 -18.34 -17.52
N ASN A 29 -3.96 -17.06 -17.15
CA ASN A 29 -2.85 -16.48 -16.41
C ASN A 29 -3.06 -16.50 -14.91
N GLN A 30 -3.80 -17.48 -14.40
CA GLN A 30 -3.92 -17.64 -12.96
C GLN A 30 -2.54 -17.86 -12.36
N GLY A 31 -2.27 -17.19 -11.25
CA GLY A 31 -0.98 -17.26 -10.62
C GLY A 31 0.01 -16.21 -11.09
N ARG A 32 -0.21 -15.65 -12.27
CA ARG A 32 0.61 -14.57 -12.81
C ARG A 32 -0.09 -13.22 -12.75
N MET A 33 -1.09 -13.07 -11.87
CA MET A 33 -1.94 -11.89 -11.82
C MET A 33 -1.92 -11.27 -10.43
N CYS A 34 -1.80 -9.94 -10.39
CA CYS A 34 -1.75 -9.20 -9.13
C CYS A 34 -2.53 -7.90 -9.25
N ILE A 35 -2.86 -7.33 -8.10
CA ILE A 35 -3.55 -6.04 -8.01
C ILE A 35 -2.90 -5.19 -6.91
N SER A 36 -2.90 -3.88 -7.13
CA SER A 36 -2.38 -2.94 -6.15
C SER A 36 -3.38 -2.71 -5.02
N SER A 37 -2.85 -2.40 -3.83
CA SER A 37 -3.71 -2.06 -2.71
C SER A 37 -4.60 -0.86 -3.04
N VAL A 38 -4.11 0.06 -3.87
CA VAL A 38 -4.94 1.16 -4.34
C VAL A 38 -6.19 0.63 -5.01
N THR A 39 -6.03 -0.37 -5.89
CA THR A 39 -7.17 -1.01 -6.51
C THR A 39 -8.09 -1.61 -5.46
N LEU A 40 -7.51 -2.22 -4.42
CA LEU A 40 -8.31 -2.86 -3.40
C LEU A 40 -9.21 -1.87 -2.68
N MET A 41 -8.66 -0.72 -2.26
CA MET A 41 -9.48 0.25 -1.54
C MET A 41 -10.68 0.70 -2.37
N GLU A 42 -10.51 0.79 -3.69
CA GLU A 42 -11.63 1.20 -4.53
C GLU A 42 -12.73 0.14 -4.54
N VAL A 43 -12.37 -1.13 -4.76
CA VAL A 43 -13.39 -2.17 -4.83
C VAL A 43 -14.08 -2.33 -3.47
N ILE A 44 -13.31 -2.24 -2.38
CA ILE A 44 -13.90 -2.24 -1.05
C ILE A 44 -14.90 -1.10 -0.92
N TYR A 45 -14.50 0.09 -1.39
CA TYR A 45 -15.37 1.25 -1.31
C TYR A 45 -16.70 0.99 -2.02
N GLY A 46 -16.64 0.57 -3.27
CA GLY A 46 -17.87 0.28 -4.00
C GLY A 46 -18.77 -0.69 -3.27
N ALA A 47 -18.20 -1.76 -2.72
CA ALA A 47 -18.98 -2.73 -1.95
C ALA A 47 -19.60 -2.07 -0.72
N GLU A 48 -18.77 -1.47 0.13
CA GLU A 48 -19.30 -0.81 1.33
C GLU A 48 -20.19 0.37 0.99
N LYS A 49 -19.98 1.01 -0.17
CA LYS A 49 -20.90 2.07 -0.58
C LYS A 49 -22.26 1.52 -0.95
N SER A 50 -22.32 0.26 -1.37
CA SER A 50 -23.55 -0.33 -1.89
C SER A 50 -24.49 -0.70 -0.75
N GLN A 51 -25.75 -0.95 -1.12
CA GLN A 51 -26.79 -1.30 -0.17
C GLN A 51 -26.70 -2.74 0.32
N MET A 52 -25.83 -3.56 -0.26
CA MET A 52 -25.63 -4.94 0.19
C MET A 52 -24.13 -5.16 0.36
N PRO A 53 -23.51 -4.48 1.33
CA PRO A 53 -22.04 -4.59 1.47
C PRO A 53 -21.56 -6.02 1.62
N GLU A 54 -22.18 -6.78 2.53
CA GLU A 54 -21.72 -8.12 2.84
C GLU A 54 -21.69 -9.01 1.60
N ARG A 55 -22.69 -8.86 0.71
CA ARG A 55 -22.70 -9.66 -0.51
C ARG A 55 -21.56 -9.27 -1.44
N ASN A 56 -21.54 -8.01 -1.86
CA ASN A 56 -20.53 -7.54 -2.80
C ASN A 56 -19.12 -7.84 -2.28
N LEU A 57 -18.90 -7.57 -1.01
CA LEU A 57 -17.61 -7.84 -0.39
C LEU A 57 -17.25 -9.32 -0.49
N ALA A 58 -18.23 -10.20 -0.29
CA ALA A 58 -17.99 -11.64 -0.44
C ALA A 58 -17.47 -11.95 -1.84
N VAL A 59 -18.15 -11.43 -2.87
CA VAL A 59 -17.65 -11.56 -4.23
C VAL A 59 -16.25 -11.01 -4.33
N ILE A 60 -16.00 -9.85 -3.72
CA ILE A 60 -14.68 -9.24 -3.75
C ILE A 60 -13.66 -10.15 -3.07
N GLU A 61 -14.00 -10.67 -1.89
CA GLU A 61 -13.09 -11.57 -1.19
C GLU A 61 -12.68 -12.73 -2.08
N GLY A 62 -13.63 -13.33 -2.79
CA GLY A 62 -13.31 -14.41 -3.70
C GLY A 62 -12.33 -13.98 -4.77
N PHE A 63 -12.57 -12.82 -5.39
CA PHE A 63 -11.65 -12.25 -6.36
C PHE A 63 -10.25 -12.12 -5.75
N VAL A 64 -10.17 -11.52 -4.56
CA VAL A 64 -8.87 -11.24 -3.95
C VAL A 64 -8.14 -12.52 -3.55
N SER A 65 -8.89 -13.60 -3.28
CA SER A 65 -8.24 -14.86 -2.94
C SER A 65 -7.46 -15.44 -4.12
N ARG A 66 -7.93 -15.23 -5.35
CA ARG A 66 -7.22 -15.77 -6.51
C ARG A 66 -6.01 -14.92 -6.89
N ILE A 67 -6.14 -13.60 -6.81
CA ILE A 67 -5.07 -12.69 -7.21
C ILE A 67 -4.23 -12.33 -5.99
N ASP A 68 -2.98 -11.97 -6.24
CA ASP A 68 -2.11 -11.48 -5.18
C ASP A 68 -2.27 -9.99 -5.04
N VAL A 69 -2.44 -9.52 -3.80
CA VAL A 69 -2.54 -8.10 -3.51
C VAL A 69 -1.16 -7.57 -3.14
N LEU A 70 -0.76 -6.48 -3.80
CA LEU A 70 0.56 -5.90 -3.62
C LEU A 70 0.45 -4.64 -2.76
N ASP A 71 1.17 -4.61 -1.65
CA ASP A 71 1.22 -3.43 -0.81
C ASP A 71 2.02 -2.32 -1.49
N TYR A 72 1.49 -1.10 -1.43
CA TYR A 72 2.19 0.07 -1.96
C TYR A 72 3.49 0.31 -1.19
N ASP A 73 4.62 0.17 -1.88
CA ASP A 73 5.92 0.28 -1.22
C ASP A 73 6.55 1.64 -1.51
N ALA A 74 7.70 1.88 -0.89
CA ALA A 74 8.44 3.12 -1.14
C ALA A 74 8.83 3.25 -2.61
N ALA A 75 9.21 2.14 -3.24
CA ALA A 75 9.51 2.16 -4.67
C ALA A 75 8.32 2.67 -5.48
N ALA A 76 7.13 2.13 -5.20
CA ALA A 76 5.93 2.62 -5.88
C ALA A 76 5.70 4.10 -5.59
N ALA A 77 5.82 4.50 -4.31
CA ALA A 77 5.64 5.89 -3.94
C ALA A 77 6.62 6.79 -4.69
N THR A 78 7.90 6.44 -4.66
CA THR A 78 8.90 7.21 -5.39
C THR A 78 8.60 7.24 -6.88
N HIS A 79 8.35 6.07 -7.48
CA HIS A 79 8.05 6.00 -8.90
C HIS A 79 6.84 6.86 -9.24
N THR A 80 5.77 6.76 -8.44
CA THR A 80 4.59 7.58 -8.70
C THR A 80 4.91 9.06 -8.57
N GLY A 81 5.76 9.42 -7.59
CA GLY A 81 6.22 10.80 -7.50
C GLY A 81 6.81 11.30 -8.80
N GLN A 82 7.75 10.54 -9.37
CA GLN A 82 8.27 10.90 -10.69
C GLN A 82 7.15 10.96 -11.72
N ILE A 83 6.33 9.91 -11.77
CA ILE A 83 5.25 9.85 -12.75
C ILE A 83 4.38 11.08 -12.66
N ARG A 84 3.97 11.43 -11.44
CA ARG A 84 3.15 12.62 -11.22
C ARG A 84 3.86 13.87 -11.73
N ALA A 85 5.14 14.02 -11.40
CA ALA A 85 5.88 15.21 -11.80
C ALA A 85 5.95 15.33 -13.32
N GLU A 86 6.28 14.23 -14.00
CA GLU A 86 6.28 14.23 -15.46
C GLU A 86 4.97 14.76 -16.01
N LEU A 87 3.86 14.14 -15.60
CA LEU A 87 2.54 14.51 -16.10
C LEU A 87 2.24 16.00 -15.91
N ALA A 88 2.79 16.60 -14.84
CA ALA A 88 2.63 18.05 -14.67
C ALA A 88 3.15 18.80 -15.87
N LEU A 89 4.40 18.53 -16.27
CA LEU A 89 4.97 19.20 -17.43
C LEU A 89 4.21 18.86 -18.71
N GLN A 90 3.90 17.56 -18.91
CA GLN A 90 3.21 17.18 -20.14
C GLN A 90 1.85 17.84 -20.29
N GLY A 91 1.22 18.22 -19.18
CA GLY A 91 -0.13 18.73 -19.21
C GLY A 91 -1.17 17.64 -19.24
N ARG A 92 -0.76 16.42 -19.56
CA ARG A 92 -1.66 15.28 -19.59
C ARG A 92 -2.17 15.01 -18.19
N PRO A 93 -3.49 14.88 -18.01
CA PRO A 93 -4.02 14.62 -16.68
C PRO A 93 -4.34 13.14 -16.47
N VAL A 94 -3.91 12.59 -15.35
CA VAL A 94 -4.19 11.21 -14.99
C VAL A 94 -4.81 11.20 -13.60
N GLY A 95 -5.77 10.30 -13.39
CA GLY A 95 -6.48 10.20 -12.13
C GLY A 95 -5.54 9.96 -10.97
N PRO A 96 -5.93 10.45 -9.79
CA PRO A 96 -5.08 10.28 -8.59
C PRO A 96 -4.74 8.82 -8.33
N PHE A 97 -5.76 7.99 -8.15
CA PHE A 97 -5.54 6.58 -7.90
C PHE A 97 -4.79 5.94 -9.07
N ASP A 98 -5.19 6.26 -10.30
CA ASP A 98 -4.55 5.70 -11.47
C ASP A 98 -3.05 6.01 -11.48
N GLN A 99 -2.68 7.23 -11.09
CA GLN A 99 -1.26 7.58 -10.99
C GLN A 99 -0.53 6.59 -10.09
N MET A 100 -1.07 6.33 -8.90
CA MET A 100 -0.42 5.42 -7.96
C MET A 100 -0.34 4.01 -8.53
N ILE A 101 -1.39 3.56 -9.19
CA ILE A 101 -1.37 2.23 -9.79
C ILE A 101 -0.27 2.13 -10.82
N ALA A 102 -0.13 3.15 -11.66
CA ALA A 102 0.90 3.16 -12.70
C ALA A 102 2.29 3.06 -12.10
N GLY A 103 2.61 3.97 -11.17
CA GLY A 103 3.92 3.91 -10.52
C GLY A 103 4.17 2.60 -9.82
N HIS A 104 3.15 2.06 -9.16
CA HIS A 104 3.25 0.76 -8.51
C HIS A 104 3.70 -0.31 -9.49
N ALA A 105 3.09 -0.34 -10.67
CA ALA A 105 3.47 -1.30 -11.70
C ALA A 105 4.91 -1.08 -12.15
N ARG A 106 5.25 0.16 -12.52
CA ARG A 106 6.61 0.44 -13.01
C ARG A 106 7.64 0.07 -11.97
N SER A 107 7.36 0.31 -10.69
CA SER A 107 8.30 -0.03 -9.63
C SER A 107 8.63 -1.53 -9.66
N ARG A 108 7.61 -2.38 -9.76
CA ARG A 108 7.82 -3.82 -9.84
C ARG A 108 7.88 -4.34 -11.28
N GLY A 109 7.83 -3.46 -12.28
CA GLY A 109 7.96 -3.88 -13.66
C GLY A 109 6.84 -4.75 -14.20
N LEU A 110 5.63 -4.63 -13.65
CA LEU A 110 4.51 -5.46 -14.07
C LEU A 110 3.85 -4.89 -15.33
N ILE A 111 3.05 -5.73 -15.99
CA ILE A 111 2.25 -5.31 -17.13
C ILE A 111 0.88 -4.85 -16.64
N ILE A 112 0.49 -3.65 -17.04
CA ILE A 112 -0.82 -3.12 -16.68
C ILE A 112 -1.88 -3.72 -17.58
N VAL A 113 -2.97 -4.19 -16.98
CA VAL A 113 -4.11 -4.72 -17.71
C VAL A 113 -5.30 -3.82 -17.40
N THR A 114 -5.90 -3.25 -18.45
CA THR A 114 -6.94 -2.26 -18.26
C THR A 114 -7.92 -2.29 -19.44
N ASN A 115 -9.19 -2.00 -19.15
CA ASN A 115 -10.14 -1.85 -20.24
C ASN A 115 -10.02 -0.51 -20.94
N ASN A 116 -9.61 0.53 -20.21
CA ASN A 116 -9.42 1.88 -20.75
C ASN A 116 -7.94 2.20 -20.76
N THR A 117 -7.29 1.93 -21.89
CA THR A 117 -5.88 2.23 -22.01
C THR A 117 -5.60 3.71 -22.20
N ARG A 118 -6.61 4.49 -22.60
CA ARG A 118 -6.41 5.90 -22.95
C ARG A 118 -5.67 6.65 -21.87
N GLU A 119 -6.17 6.60 -20.63
CA GLU A 119 -5.56 7.36 -19.55
C GLU A 119 -4.10 6.94 -19.32
N PHE A 120 -3.85 5.64 -19.29
CA PHE A 120 -2.51 5.12 -19.02
C PHE A 120 -1.53 5.37 -20.15
N GLU A 121 -2.00 5.73 -21.36
CA GLU A 121 -1.10 5.98 -22.48
C GLU A 121 -0.25 7.23 -22.26
N ARG A 122 -0.74 8.19 -21.46
CA ARG A 122 0.06 9.38 -21.20
C ARG A 122 1.35 9.04 -20.48
N VAL A 123 1.27 8.16 -19.49
CA VAL A 123 2.45 7.78 -18.72
C VAL A 123 3.36 6.92 -19.57
N GLY A 124 4.67 7.19 -19.49
CA GLY A 124 5.65 6.49 -20.30
C GLY A 124 6.31 5.34 -19.58
N GLY A 125 6.97 4.49 -20.36
CA GLY A 125 7.66 3.34 -19.80
C GLY A 125 6.76 2.26 -19.24
N LEU A 126 5.48 2.27 -19.57
CA LEU A 126 4.54 1.27 -19.08
C LEU A 126 4.05 0.41 -20.23
N ARG A 127 3.83 -0.87 -19.92
CA ARG A 127 3.22 -1.80 -20.86
C ARG A 127 1.76 -1.94 -20.46
N ILE A 128 0.87 -1.67 -21.41
CA ILE A 128 -0.56 -1.59 -21.16
C ILE A 128 -1.27 -2.61 -22.06
N GLU A 129 -2.14 -3.42 -21.46
CA GLU A 129 -2.93 -4.39 -22.19
C GLU A 129 -4.42 -4.22 -21.89
N ASP A 130 -5.24 -4.61 -22.86
CA ASP A 130 -6.69 -4.47 -22.79
C ASP A 130 -7.34 -5.86 -22.87
N TRP A 131 -7.77 -6.38 -21.73
CA TRP A 131 -8.37 -7.70 -21.62
C TRP A 131 -9.88 -7.72 -21.75
N SER A 132 -10.54 -6.55 -21.90
CA SER A 132 -12.00 -6.47 -21.96
C SER A 132 -12.62 -7.48 -22.92
N HIS B 21 -22.55 -33.96 -0.63
CA HIS B 21 -23.70 -33.60 0.18
C HIS B 21 -23.62 -34.27 1.55
N MET B 22 -22.66 -35.19 1.70
CA MET B 22 -22.43 -35.83 2.98
C MET B 22 -21.38 -35.08 3.78
N GLU B 23 -20.26 -35.74 4.06
CA GLU B 23 -19.26 -35.19 4.96
C GLU B 23 -18.01 -36.07 4.91
N THR B 24 -16.89 -35.49 5.33
CA THR B 24 -15.64 -36.22 5.45
C THR B 24 -14.82 -35.59 6.57
N THR B 25 -13.55 -35.99 6.68
CA THR B 25 -12.67 -35.49 7.71
C THR B 25 -11.28 -35.28 7.12
N GLU B 26 -10.56 -34.32 7.68
CA GLU B 26 -9.19 -34.05 7.27
C GLU B 26 -8.21 -34.90 8.09
N PHE B 27 -6.97 -34.94 7.63
CA PHE B 27 -5.98 -35.85 8.20
C PHE B 27 -4.58 -35.31 7.95
N LEU B 28 -3.79 -35.16 9.01
CA LEU B 28 -2.43 -34.66 8.87
C LEU B 28 -1.60 -35.65 8.05
N SER B 29 -1.29 -35.30 6.81
CA SER B 29 -0.52 -36.15 5.92
C SER B 29 0.54 -35.31 5.23
N ASN B 30 1.78 -35.77 5.27
CA ASN B 30 2.90 -35.08 4.63
C ASN B 30 3.02 -33.64 5.13
N ARG B 31 2.75 -33.47 6.43
CA ARG B 31 2.70 -32.18 7.10
C ARG B 31 1.63 -31.25 6.52
N SER B 32 0.56 -31.81 5.99
CA SER B 32 -0.57 -31.04 5.48
C SER B 32 -1.86 -31.66 5.98
N GLN B 33 -2.85 -30.81 6.28
CA GLN B 33 -4.15 -31.30 6.72
C GLN B 33 -4.84 -32.10 5.63
N ALA B 34 -4.55 -31.78 4.36
CA ALA B 34 -5.08 -32.50 3.20
C ALA B 34 -6.57 -32.67 3.26
N VAL B 35 -7.09 -33.65 2.51
CA VAL B 35 -8.52 -33.97 2.53
C VAL B 35 -8.67 -35.33 1.86
N ARG B 36 -9.78 -36.00 2.15
CA ARG B 36 -10.11 -37.27 1.51
C ARG B 36 -11.42 -37.08 0.74
N LEU B 37 -11.31 -36.81 -0.55
CA LEU B 37 -12.49 -36.65 -1.38
C LEU B 37 -13.21 -37.99 -1.49
N PRO B 38 -14.46 -38.10 -1.09
CA PRO B 38 -15.18 -39.37 -1.25
C PRO B 38 -15.24 -39.76 -2.72
N LYS B 39 -15.29 -41.07 -2.97
CA LYS B 39 -15.58 -41.53 -4.32
C LYS B 39 -16.90 -40.96 -4.81
N ALA B 40 -17.82 -40.66 -3.89
CA ALA B 40 -19.10 -40.06 -4.27
C ALA B 40 -18.96 -38.66 -4.85
N VAL B 41 -17.90 -37.94 -4.52
CA VAL B 41 -17.73 -36.57 -5.00
C VAL B 41 -16.29 -36.45 -5.48
N ALA B 42 -15.80 -37.48 -6.15
CA ALA B 42 -14.44 -37.45 -6.66
C ALA B 42 -14.38 -36.65 -7.96
N LEU B 43 -13.19 -36.12 -8.24
CA LEU B 43 -12.97 -35.29 -9.41
C LEU B 43 -12.75 -36.13 -10.66
N PRO B 44 -12.94 -35.53 -11.85
CA PRO B 44 -12.63 -36.25 -13.08
C PRO B 44 -11.17 -36.69 -13.11
N GLU B 45 -10.96 -37.93 -13.56
CA GLU B 45 -9.62 -38.48 -13.63
C GLU B 45 -8.72 -37.66 -14.57
N ASN B 46 -9.32 -36.94 -15.51
CA ASN B 46 -8.53 -36.11 -16.42
C ASN B 46 -7.92 -34.91 -15.73
N VAL B 47 -8.27 -34.66 -14.47
CA VAL B 47 -7.79 -33.50 -13.72
C VAL B 47 -6.60 -33.98 -12.88
N LYS B 48 -5.39 -33.66 -13.34
CA LYS B 48 -4.19 -34.08 -12.61
C LYS B 48 -3.92 -33.19 -11.41
N ARG B 49 -3.96 -31.87 -11.61
CA ARG B 49 -3.64 -30.91 -10.58
C ARG B 49 -4.86 -30.05 -10.31
N VAL B 50 -5.04 -29.64 -9.06
CA VAL B 50 -6.20 -28.83 -8.68
C VAL B 50 -5.77 -27.67 -7.79
N GLU B 51 -5.96 -26.47 -8.29
CA GLU B 51 -5.86 -25.24 -7.53
C GLU B 51 -6.75 -25.29 -6.29
N VAL B 52 -6.22 -24.82 -5.16
CA VAL B 52 -7.00 -24.66 -3.94
C VAL B 52 -6.95 -23.20 -3.52
N ILE B 53 -8.13 -22.60 -3.34
CA ILE B 53 -8.27 -21.19 -2.99
C ILE B 53 -8.86 -21.11 -1.59
N ALA B 54 -8.34 -20.19 -0.79
CA ALA B 54 -8.78 -20.00 0.59
C ALA B 54 -9.60 -18.72 0.70
N VAL B 55 -10.87 -18.87 1.10
CA VAL B 55 -11.74 -17.74 1.40
C VAL B 55 -12.44 -18.03 2.73
N GLY B 56 -12.05 -17.29 3.76
CA GLY B 56 -12.65 -17.48 5.07
C GLY B 56 -12.41 -18.88 5.58
N ARG B 57 -13.49 -19.55 6.00
CA ARG B 57 -13.40 -20.96 6.37
C ARG B 57 -13.38 -21.86 5.15
N THR B 58 -14.08 -21.47 4.09
CA THR B 58 -14.23 -22.34 2.92
C THR B 58 -12.94 -22.40 2.10
N ARG B 59 -12.71 -23.56 1.50
CA ARG B 59 -11.56 -23.80 0.63
C ARG B 59 -12.08 -24.33 -0.70
N ILE B 60 -11.75 -23.64 -1.79
CA ILE B 60 -12.25 -23.96 -3.11
C ILE B 60 -11.24 -24.84 -3.84
N ILE B 61 -11.68 -26.00 -4.30
CA ILE B 61 -10.86 -26.98 -5.00
C ILE B 61 -11.26 -26.99 -6.47
N THR B 62 -10.55 -26.17 -7.31
CA THR B 62 -10.82 -25.94 -8.73
C THR B 62 -9.70 -26.51 -9.59
N PRO B 63 -10.03 -27.22 -10.67
CA PRO B 63 -8.98 -27.81 -11.52
C PRO B 63 -7.95 -26.79 -11.96
N ALA B 64 -6.73 -27.26 -12.14
CA ALA B 64 -5.64 -26.38 -12.56
C ALA B 64 -6.00 -25.71 -13.87
N GLY B 65 -5.81 -24.40 -13.93
CA GLY B 65 -6.22 -23.65 -15.09
C GLY B 65 -7.67 -23.28 -14.97
N GLU B 66 -8.51 -24.26 -14.65
CA GLU B 66 -9.93 -24.04 -14.40
C GLU B 66 -10.22 -23.35 -13.06
N THR B 67 -9.39 -22.38 -12.67
CA THR B 67 -9.47 -21.78 -11.35
C THR B 67 -10.70 -20.87 -11.22
N TRP B 68 -10.77 -19.86 -12.06
CA TRP B 68 -11.77 -18.80 -11.96
C TRP B 68 -13.19 -19.25 -12.31
N ASP B 69 -13.40 -20.52 -12.67
CA ASP B 69 -14.71 -20.96 -13.13
C ASP B 69 -15.77 -20.81 -12.05
N GLU B 70 -15.41 -21.12 -10.80
CA GLU B 70 -16.38 -21.00 -9.72
C GLU B 70 -16.84 -19.55 -9.54
N TRP B 71 -15.88 -18.63 -9.48
CA TRP B 71 -16.20 -17.25 -9.13
C TRP B 71 -17.13 -16.61 -10.15
N PHE B 72 -16.95 -16.91 -11.43
CA PHE B 72 -17.78 -16.29 -12.45
C PHE B 72 -19.20 -16.83 -12.42
N ASP B 73 -19.38 -18.08 -12.03
CA ASP B 73 -20.71 -18.66 -11.93
C ASP B 73 -21.34 -18.28 -10.60
N GLY B 74 -22.53 -17.68 -10.65
CA GLY B 74 -23.17 -17.29 -9.42
C GLY B 74 -22.41 -16.16 -8.74
N ASN B 75 -22.50 -16.15 -7.40
CA ASN B 75 -21.87 -15.12 -6.56
C ASN B 75 -22.11 -13.73 -7.14
N SER B 76 -23.33 -13.46 -7.59
CA SER B 76 -23.60 -12.22 -8.30
C SER B 76 -23.47 -11.02 -7.36
N VAL B 77 -22.65 -10.06 -7.76
CA VAL B 77 -22.60 -8.79 -7.05
C VAL B 77 -23.99 -8.14 -7.13
N SER B 78 -24.30 -7.34 -6.12
CA SER B 78 -25.63 -6.72 -6.07
C SER B 78 -25.83 -5.82 -7.28
N ALA B 79 -27.11 -5.60 -7.62
CA ALA B 79 -27.42 -4.80 -8.79
C ALA B 79 -27.02 -3.34 -8.60
N ASP B 80 -26.99 -2.87 -7.35
CA ASP B 80 -26.64 -1.49 -7.04
C ASP B 80 -25.15 -1.32 -6.82
N PHE B 81 -24.33 -2.32 -7.14
CA PHE B 81 -22.89 -2.18 -7.01
C PHE B 81 -22.39 -1.02 -7.86
N MET B 82 -21.80 -0.02 -7.20
CA MET B 82 -21.33 1.18 -7.87
C MET B 82 -20.34 0.85 -8.98
N ASP B 83 -20.79 0.95 -10.23
CA ASP B 83 -19.86 0.87 -11.35
C ASP B 83 -18.93 2.07 -11.40
N ASN B 84 -19.40 3.22 -10.91
CA ASN B 84 -18.59 4.43 -10.91
C ASN B 84 -17.41 4.30 -9.94
N ARG B 85 -16.20 4.56 -10.44
CA ARG B 85 -15.05 4.65 -9.55
C ARG B 85 -15.10 5.90 -8.69
N GLU B 86 -15.72 6.97 -9.21
CA GLU B 86 -15.81 8.25 -8.51
C GLU B 86 -14.43 8.78 -8.13
N GLN B 87 -13.43 8.47 -8.95
CA GLN B 87 -12.08 8.96 -8.73
C GLN B 87 -12.05 10.48 -8.87
N PRO B 88 -11.47 11.20 -7.91
CA PRO B 88 -11.42 12.66 -8.01
C PRO B 88 -10.51 13.12 -9.14
N GLY B 89 -11.00 13.05 -10.38
CA GLY B 89 -10.22 13.46 -11.53
C GLY B 89 -10.40 12.53 -12.71
N MET C 1 6.88 1.08 20.83
CA MET C 1 6.91 0.97 19.37
C MET C 1 6.59 2.30 18.67
N LEU C 2 5.71 2.23 17.67
CA LEU C 2 5.32 3.35 16.82
C LEU C 2 3.93 3.81 17.23
N LYS C 3 3.77 5.11 17.50
CA LYS C 3 2.49 5.62 17.97
C LYS C 3 1.84 6.68 17.10
N PHE C 4 2.60 7.38 16.25
CA PHE C 4 2.09 8.52 15.50
C PHE C 4 2.28 8.31 14.01
N MET C 5 1.27 8.68 13.23
CA MET C 5 1.36 8.72 11.78
C MET C 5 1.35 10.18 11.35
N LEU C 6 2.40 10.59 10.65
CA LEU C 6 2.60 11.97 10.26
C LEU C 6 1.86 12.23 8.95
N ASP C 7 0.92 13.17 8.98
CA ASP C 7 0.19 13.54 7.78
C ASP C 7 1.12 14.21 6.79
N THR C 8 0.67 14.29 5.53
CA THR C 8 1.40 15.04 4.52
C THR C 8 1.42 16.52 4.86
N ASN C 9 0.30 17.04 5.39
CA ASN C 9 0.19 18.45 5.71
C ASN C 9 1.31 18.89 6.64
N ILE C 10 1.43 18.21 7.78
CA ILE C 10 2.38 18.65 8.79
C ILE C 10 3.81 18.42 8.30
N CYS C 11 4.04 17.36 7.51
CA CYS C 11 5.39 17.09 7.04
C CYS C 11 5.92 18.23 6.20
N ILE C 12 5.19 18.60 5.15
CA ILE C 12 5.59 19.75 4.33
C ILE C 12 5.74 20.99 5.18
N PHE C 13 4.78 21.22 6.09
CA PHE C 13 4.85 22.35 7.00
C PHE C 13 6.17 22.38 7.76
N THR C 14 6.59 21.22 8.29
CA THR C 14 7.87 21.14 8.97
C THR C 14 9.03 21.26 7.99
N ILE C 15 8.97 20.53 6.88
CA ILE C 15 10.07 20.53 5.92
C ILE C 15 10.39 21.96 5.47
N LYS C 16 9.35 22.72 5.11
CA LYS C 16 9.56 24.11 4.70
C LYS C 16 9.91 25.00 5.90
N ASN C 17 9.00 25.10 6.88
CA ASN C 17 9.17 26.10 7.92
C ASN C 17 10.22 25.73 8.95
N LYS C 18 10.46 24.43 9.14
CA LYS C 18 11.36 23.94 10.19
C LYS C 18 11.00 24.57 11.53
N PRO C 19 9.77 24.35 12.02
CA PRO C 19 9.30 25.07 13.20
C PRO C 19 9.89 24.50 14.49
N ALA C 20 10.16 25.40 15.43
CA ALA C 20 10.80 24.99 16.68
C ALA C 20 9.86 24.14 17.53
N SER C 21 8.58 24.52 17.60
CA SER C 21 7.60 23.72 18.34
C SER C 21 7.59 22.28 17.87
N VAL C 22 7.70 22.08 16.56
CA VAL C 22 7.66 20.73 15.99
C VAL C 22 8.92 19.95 16.36
N ARG C 23 10.09 20.61 16.30
CA ARG C 23 11.35 19.96 16.65
C ARG C 23 11.27 19.31 18.03
N GLU C 24 10.80 20.06 19.03
CA GLU C 24 10.61 19.50 20.36
C GLU C 24 9.71 18.26 20.29
N ARG C 25 8.52 18.43 19.71
CA ARG C 25 7.62 17.30 19.50
C ARG C 25 8.33 16.15 18.82
N PHE C 26 9.18 16.46 17.84
CA PHE C 26 9.92 15.42 17.14
C PHE C 26 10.92 14.74 18.05
N ASN C 27 11.76 15.53 18.71
CA ASN C 27 12.76 14.97 19.62
C ASN C 27 12.11 14.22 20.76
N LEU C 28 11.05 14.78 21.34
CA LEU C 28 10.39 14.12 22.47
C LEU C 28 9.85 12.76 22.07
N ASN C 29 9.09 12.69 20.99
CA ASN C 29 8.50 11.46 20.49
C ASN C 29 9.35 10.82 19.39
N GLN C 30 10.67 10.98 19.47
CA GLN C 30 11.57 10.29 18.55
C GLN C 30 11.37 8.79 18.63
N GLY C 31 11.35 8.12 17.48
CA GLY C 31 11.18 6.70 17.43
C GLY C 31 9.74 6.24 17.33
N ARG C 32 8.79 7.09 17.69
CA ARG C 32 7.37 6.79 17.62
C ARG C 32 6.70 7.42 16.42
N MET C 33 7.46 7.71 15.38
CA MET C 33 6.97 8.50 14.27
C MET C 33 7.09 7.70 12.98
N CYS C 34 6.02 7.71 12.20
CA CYS C 34 5.96 6.99 10.95
C CYS C 34 5.19 7.82 9.94
N ILE C 35 5.35 7.46 8.67
CA ILE C 35 4.64 8.10 7.57
C ILE C 35 4.15 7.00 6.65
N SER C 36 3.01 7.23 6.02
CA SER C 36 2.51 6.29 5.05
C SER C 36 3.30 6.43 3.75
N SER C 37 3.40 5.32 3.01
CA SER C 37 4.02 5.41 1.70
C SER C 37 3.28 6.41 0.82
N VAL C 38 1.96 6.55 1.03
CA VAL C 38 1.19 7.59 0.36
C VAL C 38 1.79 8.96 0.67
N THR C 39 2.12 9.20 1.94
CA THR C 39 2.79 10.45 2.32
C THR C 39 4.10 10.63 1.56
N LEU C 40 4.86 9.55 1.39
CA LEU C 40 6.16 9.66 0.73
C LEU C 40 6.03 10.16 -0.71
N MET C 41 5.10 9.56 -1.49
CA MET C 41 4.99 9.93 -2.90
C MET C 41 4.66 11.40 -3.09
N GLU C 42 3.86 11.98 -2.19
CA GLU C 42 3.50 13.38 -2.35
C GLU C 42 4.71 14.28 -2.21
N VAL C 43 5.48 14.11 -1.13
CA VAL C 43 6.65 14.94 -0.92
C VAL C 43 7.69 14.66 -2.00
N ILE C 44 7.84 13.40 -2.39
CA ILE C 44 8.71 13.07 -3.52
C ILE C 44 8.27 13.86 -4.75
N TYR C 45 6.96 13.86 -5.01
CA TYR C 45 6.43 14.62 -6.14
C TYR C 45 6.74 16.10 -6.00
N GLY C 46 6.39 16.68 -4.84
CA GLY C 46 6.66 18.09 -4.61
C GLY C 46 8.12 18.46 -4.82
N ALA C 47 9.03 17.62 -4.30
CA ALA C 47 10.46 17.87 -4.49
C ALA C 47 10.82 17.89 -5.97
N GLU C 48 10.48 16.82 -6.69
CA GLU C 48 10.76 16.77 -8.12
C GLU C 48 10.02 17.85 -8.90
N LYS C 49 8.91 18.36 -8.37
CA LYS C 49 8.20 19.44 -9.04
C LYS C 49 8.97 20.75 -9.03
N SER C 50 9.89 20.95 -8.08
CA SER C 50 10.58 22.21 -7.96
C SER C 50 11.71 22.33 -8.97
N GLN C 51 12.25 23.56 -9.08
CA GLN C 51 13.35 23.82 -10.02
C GLN C 51 14.67 23.23 -9.57
N MET C 52 14.76 22.71 -8.36
CA MET C 52 15.97 22.07 -7.85
C MET C 52 15.60 20.73 -7.21
N PRO C 53 15.16 19.76 -8.01
CA PRO C 53 14.69 18.49 -7.43
C PRO C 53 15.72 17.82 -6.53
N GLU C 54 16.95 17.65 -7.02
CA GLU C 54 17.97 16.96 -6.25
C GLU C 54 18.23 17.65 -4.91
N ARG C 55 18.31 18.99 -4.92
CA ARG C 55 18.35 19.75 -3.67
C ARG C 55 17.17 19.39 -2.77
N ASN C 56 15.94 19.58 -3.29
CA ASN C 56 14.76 19.37 -2.47
C ASN C 56 14.63 17.91 -2.03
N LEU C 57 14.85 16.98 -2.97
CA LEU C 57 14.80 15.57 -2.64
C LEU C 57 15.80 15.21 -1.55
N ALA C 58 17.01 15.79 -1.61
CA ALA C 58 18.03 15.50 -0.60
C ALA C 58 17.55 15.81 0.80
N VAL C 59 17.02 17.02 1.01
CA VAL C 59 16.43 17.35 2.30
C VAL C 59 15.33 16.35 2.65
N ILE C 60 14.52 15.99 1.66
CA ILE C 60 13.41 15.06 1.88
C ILE C 60 13.93 13.70 2.37
N GLU C 61 14.94 13.16 1.68
CA GLU C 61 15.50 11.87 2.07
C GLU C 61 15.97 11.88 3.53
N GLY C 62 16.63 12.96 3.95
CA GLY C 62 17.05 13.05 5.34
C GLY C 62 15.89 12.89 6.30
N PHE C 63 14.79 13.60 6.02
CA PHE C 63 13.57 13.46 6.81
C PHE C 63 13.12 12.01 6.89
N VAL C 64 12.99 11.34 5.74
CA VAL C 64 12.51 9.97 5.72
C VAL C 64 13.51 9.00 6.34
N SER C 65 14.80 9.37 6.39
CA SER C 65 15.77 8.50 7.03
C SER C 65 15.49 8.33 8.51
N ARG C 66 15.01 9.39 9.17
CA ARG C 66 14.69 9.34 10.59
C ARG C 66 13.32 8.71 10.85
N ILE C 67 12.37 8.92 9.96
CA ILE C 67 11.01 8.40 10.13
C ILE C 67 10.96 7.04 9.46
N ASP C 68 10.13 6.15 9.99
CA ASP C 68 9.92 4.87 9.32
C ASP C 68 8.76 5.04 8.33
N VAL C 69 8.95 4.54 7.12
CA VAL C 69 7.91 4.59 6.10
C VAL C 69 7.09 3.32 6.20
N LEU C 70 5.77 3.48 6.26
CA LEU C 70 4.85 2.37 6.41
C LEU C 70 4.23 2.09 5.05
N ASP C 71 4.39 0.87 4.57
CA ASP C 71 3.83 0.49 3.29
C ASP C 71 2.31 0.43 3.39
N TYR C 72 1.63 1.01 2.40
CA TYR C 72 0.18 0.91 2.30
C TYR C 72 -0.21 -0.53 2.03
N ASP C 73 -0.84 -1.17 3.01
CA ASP C 73 -1.16 -2.58 2.91
C ASP C 73 -2.66 -2.77 2.64
N ALA C 74 -3.04 -4.03 2.46
CA ALA C 74 -4.45 -4.34 2.25
C ALA C 74 -5.31 -3.86 3.42
N ALA C 75 -4.81 -4.02 4.65
CA ALA C 75 -5.53 -3.51 5.82
C ALA C 75 -5.76 -2.01 5.70
N ALA C 76 -4.73 -1.26 5.31
CA ALA C 76 -4.89 0.17 5.09
C ALA C 76 -5.92 0.44 3.99
N ALA C 77 -5.82 -0.30 2.89
CA ALA C 77 -6.75 -0.11 1.78
C ALA C 77 -8.20 -0.36 2.21
N THR C 78 -8.46 -1.48 2.88
CA THR C 78 -9.81 -1.80 3.33
C THR C 78 -10.36 -0.72 4.27
N HIS C 79 -9.59 -0.36 5.30
CA HIS C 79 -10.03 0.67 6.23
C HIS C 79 -10.33 1.97 5.49
N THR C 80 -9.47 2.34 4.55
CA THR C 80 -9.70 3.54 3.76
C THR C 80 -11.01 3.44 3.00
N GLY C 81 -11.27 2.27 2.41
CA GLY C 81 -12.55 2.04 1.76
C GLY C 81 -13.73 2.35 2.66
N GLN C 82 -13.73 1.78 3.87
CA GLN C 82 -14.78 2.07 4.83
C GLN C 82 -14.88 3.56 5.11
N ILE C 83 -13.76 4.20 5.45
CA ILE C 83 -13.76 5.63 5.72
C ILE C 83 -14.36 6.39 4.56
N ARG C 84 -13.90 6.07 3.35
CA ARG C 84 -14.47 6.69 2.15
C ARG C 84 -15.97 6.47 2.08
N ALA C 85 -16.40 5.22 2.27
CA ALA C 85 -17.84 4.92 2.21
C ALA C 85 -18.59 5.65 3.32
N GLU C 86 -18.10 5.58 4.56
CA GLU C 86 -18.72 6.31 5.65
C GLU C 86 -18.86 7.79 5.30
N LEU C 87 -17.74 8.44 4.98
CA LEU C 87 -17.78 9.87 4.63
C LEU C 87 -18.71 10.12 3.46
N ALA C 88 -18.78 9.18 2.51
CA ALA C 88 -19.69 9.32 1.37
C ALA C 88 -21.12 9.48 1.82
N LEU C 89 -21.61 8.56 2.65
CA LEU C 89 -23.00 8.64 3.12
C LEU C 89 -23.23 9.93 3.91
N GLN C 90 -22.33 10.23 4.85
CA GLN C 90 -22.47 11.43 5.68
C GLN C 90 -22.36 12.71 4.88
N GLY C 91 -21.74 12.69 3.71
CA GLY C 91 -21.53 13.90 2.93
C GLY C 91 -20.29 14.69 3.27
N ARG C 92 -19.63 14.40 4.39
CA ARG C 92 -18.40 15.11 4.70
C ARG C 92 -17.33 14.80 3.66
N PRO C 93 -16.67 15.81 3.09
CA PRO C 93 -15.66 15.56 2.06
C PRO C 93 -14.24 15.55 2.59
N VAL C 94 -13.47 14.52 2.24
CA VAL C 94 -12.07 14.41 2.60
C VAL C 94 -11.26 14.10 1.34
N GLY C 95 -10.06 14.66 1.26
CA GLY C 95 -9.18 14.46 0.13
C GLY C 95 -8.83 13.01 -0.10
N PRO C 96 -8.58 12.65 -1.37
CA PRO C 96 -8.23 11.26 -1.70
C PRO C 96 -7.02 10.75 -0.94
N PHE C 97 -5.88 11.44 -1.11
CA PHE C 97 -4.66 11.03 -0.40
C PHE C 97 -4.88 11.04 1.10
N ASP C 98 -5.53 12.06 1.63
CA ASP C 98 -5.80 12.13 3.06
C ASP C 98 -6.59 10.91 3.53
N GLN C 99 -7.60 10.52 2.75
CA GLN C 99 -8.38 9.34 3.07
C GLN C 99 -7.50 8.12 3.24
N MET C 100 -6.56 7.94 2.31
CA MET C 100 -5.66 6.79 2.36
C MET C 100 -4.76 6.84 3.59
N ILE C 101 -4.25 8.03 3.92
CA ILE C 101 -3.42 8.17 5.11
C ILE C 101 -4.22 7.84 6.36
N ALA C 102 -5.45 8.33 6.44
CA ALA C 102 -6.31 8.04 7.57
C ALA C 102 -6.55 6.55 7.73
N GLY C 103 -6.96 5.88 6.65
CA GLY C 103 -7.16 4.44 6.71
C GLY C 103 -5.93 3.69 7.18
N HIS C 104 -4.75 4.09 6.69
CA HIS C 104 -3.50 3.51 7.18
C HIS C 104 -3.40 3.64 8.69
N ALA C 105 -3.68 4.82 9.21
CA ALA C 105 -3.62 5.03 10.65
C ALA C 105 -4.60 4.14 11.39
N ARG C 106 -5.88 4.18 10.98
CA ARG C 106 -6.91 3.39 11.67
C ARG C 106 -6.61 1.90 11.60
N SER C 107 -6.09 1.43 10.46
CA SER C 107 -5.78 0.01 10.32
C SER C 107 -4.81 -0.46 11.41
N ARG C 108 -3.73 0.28 11.62
CA ARG C 108 -2.78 -0.03 12.68
C ARG C 108 -3.06 0.73 13.98
N GLY C 109 -4.15 1.49 14.03
CA GLY C 109 -4.53 2.16 15.26
C GLY C 109 -3.61 3.31 15.67
N LEU C 110 -2.93 3.92 14.72
CA LEU C 110 -2.00 4.99 15.03
C LEU C 110 -2.72 6.31 15.28
N ILE C 111 -2.01 7.23 15.90
CA ILE C 111 -2.51 8.59 16.10
C ILE C 111 -2.07 9.42 14.90
N ILE C 112 -3.03 10.07 14.26
CA ILE C 112 -2.75 10.96 13.15
C ILE C 112 -2.27 12.29 13.72
N VAL C 113 -1.17 12.80 13.17
CA VAL C 113 -0.64 14.11 13.55
C VAL C 113 -0.73 15.00 12.33
N THR C 114 -1.50 16.07 12.44
CA THR C 114 -1.76 16.94 11.29
C THR C 114 -2.11 18.34 11.79
N ASN C 115 -1.75 19.34 10.99
CA ASN C 115 -2.14 20.72 11.27
C ASN C 115 -3.59 20.98 10.93
N ASN C 116 -4.20 20.17 10.06
CA ASN C 116 -5.60 20.36 9.64
C ASN C 116 -6.44 19.32 10.39
N THR C 117 -6.93 19.72 11.56
CA THR C 117 -7.73 18.83 12.39
C THR C 117 -9.15 18.67 11.85
N ARG C 118 -9.77 19.77 11.41
CA ARG C 118 -11.18 19.73 11.00
C ARG C 118 -11.42 18.68 9.92
N GLU C 119 -10.52 18.57 8.95
CA GLU C 119 -10.71 17.61 7.88
C GLU C 119 -10.67 16.19 8.40
N PHE C 120 -9.63 15.85 9.16
CA PHE C 120 -9.52 14.50 9.70
C PHE C 120 -10.52 14.25 10.81
N GLU C 121 -11.08 15.31 11.41
CA GLU C 121 -12.06 15.13 12.48
C GLU C 121 -13.34 14.51 11.94
N ARG C 122 -13.59 14.66 10.64
CA ARG C 122 -14.71 14.01 10.00
C ARG C 122 -14.59 12.49 10.09
N VAL C 123 -13.37 11.97 9.95
CA VAL C 123 -13.16 10.53 10.00
C VAL C 123 -13.39 10.02 11.41
N GLY C 124 -14.08 8.88 11.50
CA GLY C 124 -14.42 8.29 12.78
C GLY C 124 -13.45 7.21 13.18
N GLY C 125 -13.45 6.89 14.48
CA GLY C 125 -12.54 5.89 14.99
C GLY C 125 -11.08 6.27 14.88
N LEU C 126 -10.79 7.54 14.63
CA LEU C 126 -9.43 8.02 14.46
C LEU C 126 -9.09 9.01 15.56
N ARG C 127 -7.85 8.96 16.04
CA ARG C 127 -7.31 9.93 16.97
C ARG C 127 -6.40 10.90 16.24
N ILE C 128 -6.66 12.19 16.41
CA ILE C 128 -5.96 13.26 15.70
C ILE C 128 -5.30 14.17 16.71
N GLU C 129 -4.02 14.47 16.49
CA GLU C 129 -3.27 15.45 17.29
C GLU C 129 -2.68 16.51 16.36
N ASP C 130 -2.52 17.72 16.89
CA ASP C 130 -1.97 18.84 16.14
C ASP C 130 -0.70 19.30 16.85
N TRP C 131 0.45 18.95 16.28
CA TRP C 131 1.73 19.27 16.90
C TRP C 131 2.27 20.63 16.48
N SER C 132 1.63 21.31 15.54
CA SER C 132 2.11 22.61 15.04
C SER C 132 2.41 23.60 16.15
N GLN D 19 9.99 -11.41 21.00
CA GLN D 19 10.98 -11.60 22.06
C GLN D 19 11.82 -10.34 22.27
N GLY D 20 12.81 -10.15 21.39
CA GLY D 20 13.67 -8.97 21.48
C GLY D 20 15.10 -9.29 21.88
N HIS D 21 15.28 -10.22 22.81
CA HIS D 21 16.61 -10.68 23.19
C HIS D 21 17.17 -11.61 22.13
N MET D 22 18.50 -11.62 21.99
CA MET D 22 19.14 -12.47 21.00
C MET D 22 20.66 -12.55 21.18
N GLU D 23 21.17 -13.77 21.34
CA GLU D 23 22.57 -14.04 21.64
C GLU D 23 23.40 -14.22 20.37
N THR D 24 24.64 -13.72 20.39
CA THR D 24 25.55 -13.89 19.26
C THR D 24 26.99 -13.87 19.76
N THR D 25 27.88 -14.46 18.97
CA THR D 25 29.29 -14.56 19.30
C THR D 25 30.07 -13.42 18.64
N GLU D 26 31.39 -13.48 18.71
CA GLU D 26 32.26 -12.42 18.23
C GLU D 26 33.46 -12.97 17.50
N PHE D 27 33.96 -12.15 16.55
CA PHE D 27 35.03 -12.55 15.65
C PHE D 27 35.86 -11.33 15.28
N LEU D 28 37.19 -11.47 15.33
CA LEU D 28 38.09 -10.39 14.96
C LEU D 28 38.41 -10.47 13.47
N SER D 29 38.11 -9.39 12.75
CA SER D 29 38.40 -9.27 11.33
C SER D 29 38.77 -7.84 11.01
N ASN D 30 39.58 -7.66 9.97
CA ASN D 30 39.99 -6.32 9.52
C ASN D 30 40.71 -5.56 10.63
N ARG D 31 41.42 -6.31 11.47
CA ARG D 31 42.10 -5.84 12.67
C ARG D 31 41.12 -5.53 13.80
N SER D 32 39.84 -5.38 13.48
CA SER D 32 38.83 -4.95 14.45
C SER D 32 37.99 -6.13 14.91
N GLN D 33 37.87 -6.31 16.23
CA GLN D 33 36.94 -7.30 16.75
C GLN D 33 35.53 -6.94 16.33
N ALA D 34 34.75 -7.95 15.95
CA ALA D 34 33.49 -7.71 15.26
C ALA D 34 32.41 -8.62 15.83
N VAL D 35 31.17 -8.15 15.79
CA VAL D 35 30.01 -8.86 16.32
C VAL D 35 28.99 -9.01 15.21
N ARG D 36 28.47 -10.23 15.05
CA ARG D 36 27.41 -10.47 14.09
C ARG D 36 26.09 -9.91 14.62
N LEU D 37 25.26 -9.41 13.70
CA LEU D 37 23.92 -8.99 14.07
C LEU D 37 22.93 -10.04 13.59
N PRO D 38 22.37 -10.85 14.47
CA PRO D 38 21.33 -11.80 14.04
C PRO D 38 20.18 -11.06 13.36
N LYS D 39 19.46 -11.81 12.54
CA LYS D 39 18.38 -11.21 11.75
C LYS D 39 17.29 -10.59 12.62
N ALA D 40 17.19 -10.99 13.89
CA ALA D 40 16.22 -10.37 14.79
C ALA D 40 16.62 -8.94 15.13
N VAL D 41 17.88 -8.74 15.52
CA VAL D 41 18.40 -7.40 15.78
C VAL D 41 19.02 -6.77 14.53
N ALA D 42 18.80 -7.34 13.34
CA ALA D 42 19.42 -6.80 12.13
C ALA D 42 18.98 -5.35 11.91
N LEU D 43 19.96 -4.49 11.66
CA LEU D 43 19.69 -3.09 11.44
C LEU D 43 18.87 -2.91 10.17
N PRO D 44 18.09 -1.84 10.07
CA PRO D 44 17.47 -1.50 8.78
C PRO D 44 18.55 -1.34 7.72
N GLU D 45 18.28 -1.89 6.54
CA GLU D 45 19.27 -1.84 5.47
C GLU D 45 19.56 -0.40 5.05
N ASN D 46 18.63 0.52 5.31
CA ASN D 46 18.82 1.92 4.94
C ASN D 46 20.04 2.51 5.64
N VAL D 47 20.16 2.27 6.94
CA VAL D 47 21.34 2.66 7.69
C VAL D 47 22.58 2.14 6.98
N LYS D 48 23.49 3.04 6.60
CA LYS D 48 24.76 2.66 5.99
C LYS D 48 25.96 2.98 6.86
N ARG D 49 25.81 3.81 7.88
CA ARG D 49 26.89 4.14 8.80
C ARG D 49 26.33 4.14 10.22
N VAL D 50 27.19 3.79 11.18
CA VAL D 50 26.78 3.58 12.56
C VAL D 50 27.87 4.12 13.48
N GLU D 51 27.45 4.74 14.58
CA GLU D 51 28.36 5.21 15.61
C GLU D 51 28.24 4.33 16.85
N VAL D 52 29.36 4.13 17.52
CA VAL D 52 29.45 3.22 18.66
C VAL D 52 29.77 4.03 19.90
N ILE D 53 28.99 3.80 20.97
CA ILE D 53 29.18 4.46 22.25
C ILE D 53 29.62 3.42 23.27
N ALA D 54 30.31 3.89 24.30
CA ALA D 54 31.02 3.03 25.26
C ALA D 54 30.49 3.26 26.67
N VAL D 55 29.90 2.21 27.26
CA VAL D 55 29.33 2.27 28.60
C VAL D 55 29.64 0.96 29.33
N GLY D 56 30.50 1.03 30.35
CA GLY D 56 30.86 -0.16 31.09
C GLY D 56 31.54 -1.17 30.18
N ARG D 57 31.04 -2.40 30.19
CA ARG D 57 31.41 -3.38 29.16
C ARG D 57 30.39 -3.45 28.04
N THR D 58 29.27 -2.76 28.16
CA THR D 58 28.26 -2.76 27.11
C THR D 58 28.59 -1.73 26.04
N ARG D 59 28.42 -2.11 24.78
CA ARG D 59 28.60 -1.17 23.68
C ARG D 59 27.24 -0.77 23.12
N ILE D 60 27.11 0.50 22.76
CA ILE D 60 25.86 1.07 22.27
C ILE D 60 26.05 1.42 20.80
N ILE D 61 25.14 0.93 19.98
CA ILE D 61 25.16 1.13 18.54
C ILE D 61 23.96 1.99 18.16
N THR D 62 24.24 3.18 17.65
CA THR D 62 23.24 4.14 17.24
C THR D 62 23.45 4.48 15.76
N PRO D 63 22.40 4.44 14.94
CA PRO D 63 22.55 4.88 13.55
C PRO D 63 23.06 6.31 13.49
N ALA D 64 24.16 6.50 12.77
CA ALA D 64 24.81 7.78 12.72
C ALA D 64 23.92 8.81 12.04
N GLY D 65 23.94 10.04 12.55
CA GLY D 65 23.19 11.12 11.94
C GLY D 65 21.69 11.03 12.13
N GLU D 66 21.22 10.24 13.09
CA GLU D 66 19.80 10.12 13.37
C GLU D 66 19.27 11.24 14.26
N THR D 67 20.12 12.20 14.63
CA THR D 67 19.69 13.29 15.50
C THR D 67 18.71 14.18 14.76
N TRP D 68 17.52 14.34 15.33
CA TRP D 68 16.52 15.20 14.71
C TRP D 68 17.00 16.65 14.67
N ASP D 69 17.69 17.09 15.72
CA ASP D 69 18.19 18.46 15.76
C ASP D 69 19.16 18.74 14.62
N GLU D 70 19.92 17.72 14.20
CA GLU D 70 20.86 17.92 13.10
C GLU D 70 20.14 18.31 11.81
N TRP D 71 19.10 17.57 11.45
CA TRP D 71 18.40 17.85 10.20
C TRP D 71 17.68 19.20 10.23
N PHE D 72 17.16 19.59 11.39
CA PHE D 72 16.42 20.84 11.47
C PHE D 72 17.31 22.03 11.15
N ASP D 73 18.51 22.07 11.73
CA ASP D 73 19.50 23.08 11.35
C ASP D 73 20.27 22.68 10.09
N GLY D 74 20.07 21.47 9.59
CA GLY D 74 20.69 21.04 8.36
C GLY D 74 20.16 21.82 7.16
N ASN D 75 20.55 21.34 5.97
CA ASN D 75 20.17 22.00 4.74
C ASN D 75 18.65 22.17 4.67
N SER D 76 18.23 23.36 4.24
CA SER D 76 16.83 23.71 4.12
C SER D 76 16.43 23.74 2.66
N VAL D 77 15.14 23.63 2.43
CA VAL D 77 14.62 23.35 1.09
C VAL D 77 14.18 24.63 0.41
N SER D 78 14.23 24.63 -0.92
CA SER D 78 13.99 25.84 -1.70
C SER D 78 12.56 26.31 -1.55
N ALA D 79 12.33 27.57 -1.94
CA ALA D 79 10.99 28.14 -1.89
C ALA D 79 10.10 27.66 -3.03
N ASP D 80 10.65 26.93 -3.99
CA ASP D 80 9.84 26.37 -5.06
C ASP D 80 9.00 25.17 -4.60
N PHE D 81 9.11 24.75 -3.35
CA PHE D 81 8.14 23.79 -2.79
C PHE D 81 6.74 24.37 -2.88
N MET D 82 5.85 23.60 -3.50
CA MET D 82 4.51 24.10 -3.80
C MET D 82 3.77 24.55 -2.56
N ASP D 83 4.07 23.96 -1.40
CA ASP D 83 3.30 24.16 -0.17
C ASP D 83 1.86 23.68 -0.34
N ASN D 84 1.19 24.16 -1.39
CA ASN D 84 -0.09 23.57 -1.76
C ASN D 84 0.13 22.09 -2.05
N ARG D 85 -0.66 21.24 -1.42
CA ARG D 85 -0.55 19.82 -1.69
C ARG D 85 -1.02 19.46 -3.08
N GLU D 86 -1.71 20.39 -3.75
CA GLU D 86 -2.36 20.18 -5.03
C GLU D 86 -3.01 18.80 -5.10
N GLN D 87 -3.62 18.40 -3.99
CA GLN D 87 -4.40 17.17 -3.94
C GLN D 87 -5.59 17.29 -4.90
N PRO D 88 -5.85 16.27 -5.72
CA PRO D 88 -6.92 16.38 -6.72
C PRO D 88 -8.27 16.72 -6.11
N GLY D 89 -8.70 17.97 -6.31
CA GLY D 89 -9.97 18.43 -5.78
C GLY D 89 -10.13 19.94 -5.81
#